data_5L41
#
_entry.id   5L41
#
_cell.length_a   92.598
_cell.length_b   92.598
_cell.length_c   130.822
_cell.angle_alpha   90.00
_cell.angle_beta   90.00
_cell.angle_gamma   120.00
#
_symmetry.space_group_name_H-M   'P 61 2 2'
#
loop_
_entity.id
_entity.type
_entity.pdbx_description
1 polymer Thermolysin
2 non-polymer 'ZINC ION'
3 non-polymer 'CALCIUM ION'
4 non-polymer 'DIMETHYL SULFOXIDE'
5 non-polymer '~{N}-[(2~{S})-1-[[(2~{R})-2,3-dimethylbutyl]amino]-4-methyl-1-oxidanylidene-pentan-2-yl]-(phenylmethoxycarbonylaminomethyl)phosphonamidic acid'
6 water water
#
_entity_poly.entity_id   1
_entity_poly.type   'polypeptide(L)'
_entity_poly.pdbx_seq_one_letter_code
;ITGTSTVGVGRGVLGDQKNINTTYSTYYYLQDNTRGNGIFTYDAKYRTTLPGSLWADADNQFFASYDAPAVDAHYYAGVT
YDYYKNVHNRLSYDGNNAAIRSSVHYSQGYNNAFWNGSQMVYGDGDGQTFIPLSGGIDVVAHELTHAVTDYTAGLIYQNE
SGAINEAISDIFGTLVEFYANKNPDWEIGEDVYTPGISGDSLRSMSDPAKYGDPDHYSKRYTGTQDNGGVHINSGIINKA
AYLISQGGTHYGVSVVGIGRDKLGKIFYRALTQYLTPTSNFSQLRAAAVQSATDLYGSTSQEVASVKQAFDAVGVK
;
_entity_poly.pdbx_strand_id   E
#
loop_
_chem_comp.id
_chem_comp.type
_chem_comp.name
_chem_comp.formula
6QC non-polymer '~{N}-[(2~{S})-1-[[(2~{R})-2,3-dimethylbutyl]amino]-4-methyl-1-oxidanylidene-pentan-2-yl]-(phenylmethoxycarbonylaminomethyl)phosphonamidic acid' 'C21 H36 N3 O5 P'
CA non-polymer 'CALCIUM ION' 'Ca 2'
DMS non-polymer 'DIMETHYL SULFOXIDE' 'C2 H6 O S'
ZN non-polymer 'ZINC ION' 'Zn 2'
#
# COMPACT_ATOMS: atom_id res chain seq x y z
N ILE A 1 -14.80 -20.62 -4.80
CA ILE A 1 -15.62 -21.86 -4.74
C ILE A 1 -17.04 -21.53 -4.35
N THR A 2 -17.97 -22.40 -4.72
CA THR A 2 -19.36 -22.25 -4.34
C THR A 2 -19.55 -22.77 -2.92
N GLY A 3 -20.18 -21.97 -2.08
CA GLY A 3 -20.43 -22.38 -0.72
C GLY A 3 -21.20 -21.29 -0.02
N THR A 4 -21.23 -21.33 1.30
CA THR A 4 -21.99 -20.34 2.06
C THR A 4 -21.02 -19.46 2.86
N SER A 5 -21.36 -18.20 2.97
CA SER A 5 -20.49 -17.26 3.67
C SER A 5 -20.53 -17.50 5.17
N THR A 6 -19.34 -17.51 5.77
CA THR A 6 -19.14 -17.84 7.17
C THR A 6 -18.19 -16.81 7.78
N VAL A 7 -18.04 -16.86 9.11
CA VAL A 7 -17.15 -15.95 9.82
C VAL A 7 -16.25 -16.76 10.73
N GLY A 8 -14.97 -16.80 10.39
CA GLY A 8 -13.97 -17.45 11.20
C GLY A 8 -13.30 -16.48 12.13
N VAL A 9 -12.45 -17.02 13.00
N VAL A 9 -12.42 -17.02 12.97
CA VAL A 9 -11.69 -16.21 13.94
CA VAL A 9 -11.70 -16.23 13.96
C VAL A 9 -10.25 -16.71 13.91
C VAL A 9 -10.26 -16.70 13.96
N GLY A 10 -9.32 -15.79 14.06
CA GLY A 10 -7.92 -16.20 14.09
C GLY A 10 -7.04 -15.14 14.67
N ARG A 11 -5.74 -15.40 14.59
CA ARG A 11 -4.72 -14.49 15.09
C ARG A 11 -3.78 -14.13 13.96
N GLY A 12 -3.46 -12.85 13.86
CA GLY A 12 -2.54 -12.38 12.86
C GLY A 12 -1.07 -12.49 13.29
N VAL A 13 -0.20 -12.00 12.41
CA VAL A 13 1.25 -12.06 12.59
C VAL A 13 1.70 -11.47 13.92
N LEU A 14 1.08 -10.36 14.34
N LEU A 14 1.09 -10.36 14.34
CA LEU A 14 1.46 -9.70 15.59
CA LEU A 14 1.45 -9.69 15.58
C LEU A 14 0.70 -10.24 16.80
C LEU A 14 0.69 -10.23 16.80
N GLY A 15 -0.08 -11.30 16.64
CA GLY A 15 -0.70 -11.94 17.79
C GLY A 15 -2.09 -11.44 18.13
N ASP A 16 -2.64 -10.56 17.32
CA ASP A 16 -3.95 -9.97 17.57
C ASP A 16 -5.05 -10.82 16.96
N GLN A 17 -6.16 -10.92 17.70
CA GLN A 17 -7.30 -11.71 17.28
C GLN A 17 -8.20 -10.88 16.35
N LYS A 18 -8.69 -11.50 15.28
CA LYS A 18 -9.62 -10.80 14.40
C LYS A 18 -10.57 -11.81 13.78
N ASN A 19 -11.76 -11.34 13.40
CA ASN A 19 -12.69 -12.14 12.62
C ASN A 19 -12.37 -12.02 11.14
N ILE A 20 -12.58 -13.10 10.41
N ILE A 20 -12.58 -13.11 10.41
CA ILE A 20 -12.36 -13.08 8.97
CA ILE A 20 -12.33 -13.15 8.98
C ILE A 20 -13.55 -13.72 8.27
C ILE A 20 -13.52 -13.75 8.25
N ASN A 21 -13.84 -13.19 7.08
CA ASN A 21 -14.90 -13.71 6.24
C ASN A 21 -14.40 -14.91 5.46
N THR A 22 -15.07 -16.04 5.63
CA THR A 22 -14.70 -17.29 5.02
C THR A 22 -15.89 -17.85 4.23
N THR A 23 -15.66 -18.98 3.56
CA THR A 23 -16.69 -19.69 2.81
C THR A 23 -16.65 -21.16 3.19
N TYR A 24 -17.79 -21.73 3.51
CA TYR A 24 -17.86 -23.13 3.86
C TYR A 24 -18.38 -23.98 2.72
N SER A 25 -17.60 -25.00 2.36
CA SER A 25 -18.01 -26.07 1.47
C SER A 25 -17.04 -27.22 1.75
N THR A 26 -17.43 -28.11 2.66
CA THR A 26 -16.61 -29.18 3.24
C THR A 26 -15.52 -28.65 4.15
N TYR A 27 -14.64 -27.80 3.61
CA TYR A 27 -13.68 -27.00 4.35
C TYR A 27 -14.17 -25.57 4.47
N TYR A 28 -13.56 -24.83 5.38
CA TYR A 28 -13.67 -23.38 5.45
C TYR A 28 -12.51 -22.77 4.67
N TYR A 29 -12.83 -21.96 3.68
CA TYR A 29 -11.83 -21.35 2.81
C TYR A 29 -11.69 -19.87 3.12
N LEU A 30 -10.47 -19.37 2.93
CA LEU A 30 -10.24 -17.91 2.98
C LEU A 30 -10.74 -17.28 1.70
N GLN A 31 -12.07 -17.11 1.68
CA GLN A 31 -12.82 -16.56 0.56
C GLN A 31 -13.90 -15.69 1.19
N ASP A 32 -13.73 -14.38 1.05
CA ASP A 32 -14.64 -13.37 1.59
C ASP A 32 -15.58 -12.96 0.48
N ASN A 33 -16.86 -13.34 0.60
CA ASN A 33 -17.85 -13.02 -0.42
C ASN A 33 -18.52 -11.68 -0.19
N THR A 34 -18.17 -10.98 0.90
CA THR A 34 -18.87 -9.77 1.30
C THR A 34 -18.40 -8.55 0.54
N ARG A 35 -17.31 -8.66 -0.21
CA ARG A 35 -16.67 -7.53 -0.87
C ARG A 35 -16.52 -7.86 -2.34
N GLY A 36 -17.23 -7.10 -3.18
CA GLY A 36 -17.08 -7.24 -4.62
C GLY A 36 -17.33 -8.65 -5.09
N ASN A 37 -16.47 -9.11 -6.00
CA ASN A 37 -16.49 -10.49 -6.48
C ASN A 37 -15.52 -11.37 -5.71
N GLY A 38 -15.23 -11.00 -4.49
CA GLY A 38 -14.54 -11.84 -3.53
C GLY A 38 -13.11 -11.40 -3.28
N ILE A 39 -12.64 -11.78 -2.09
CA ILE A 39 -11.24 -11.73 -1.69
C ILE A 39 -10.83 -13.16 -1.36
N PHE A 40 -9.76 -13.62 -2.00
CA PHE A 40 -9.31 -15.01 -1.97
C PHE A 40 -7.86 -15.04 -1.53
N THR A 41 -7.55 -15.86 -0.54
CA THR A 41 -6.19 -15.97 -0.02
C THR A 41 -5.72 -17.41 -0.15
N TYR A 42 -4.49 -17.55 -0.64
CA TYR A 42 -3.90 -18.80 -1.08
C TYR A 42 -2.64 -19.13 -0.30
N ASP A 43 -2.36 -20.42 -0.16
CA ASP A 43 -1.14 -20.95 0.44
C ASP A 43 -0.14 -21.27 -0.68
N ALA A 44 0.99 -20.56 -0.74
CA ALA A 44 2.06 -20.90 -1.68
C ALA A 44 3.03 -21.94 -1.13
N LYS A 45 2.90 -22.33 0.15
CA LYS A 45 3.58 -23.52 0.71
C LYS A 45 5.10 -23.46 0.59
N TYR A 46 5.65 -22.27 0.73
CA TYR A 46 7.08 -22.02 0.67
C TYR A 46 7.67 -22.14 -0.73
N ARG A 47 6.83 -22.34 -1.75
CA ARG A 47 7.28 -22.43 -3.12
C ARG A 47 7.02 -21.15 -3.86
N THR A 48 7.42 -21.14 -5.12
CA THR A 48 7.32 -19.96 -5.95
C THR A 48 6.30 -20.13 -7.08
N THR A 49 5.56 -21.24 -7.11
N THR A 49 5.63 -21.27 -7.15
CA THR A 49 4.50 -21.46 -8.08
CA THR A 49 4.51 -21.42 -8.05
C THR A 49 3.23 -20.82 -7.55
C THR A 49 3.33 -20.64 -7.49
N LEU A 50 2.61 -19.95 -8.37
CA LEU A 50 1.48 -19.12 -7.96
C LEU A 50 0.24 -19.49 -8.70
N PRO A 51 -0.93 -19.36 -8.05
CA PRO A 51 -1.08 -18.82 -6.70
C PRO A 51 -0.88 -19.81 -5.57
N GLY A 52 -0.77 -21.10 -5.87
CA GLY A 52 -0.85 -22.09 -4.83
C GLY A 52 -2.29 -22.51 -4.64
N SER A 53 -2.63 -22.94 -3.44
N SER A 53 -2.62 -23.04 -3.47
CA SER A 53 -3.92 -23.54 -3.16
CA SER A 53 -3.96 -23.58 -3.24
C SER A 53 -4.80 -22.56 -2.38
C SER A 53 -4.81 -22.64 -2.37
N LEU A 54 -6.08 -22.48 -2.75
CA LEU A 54 -6.97 -21.64 -1.98
C LEU A 54 -6.96 -22.13 -0.53
N TRP A 55 -6.81 -21.22 0.43
CA TRP A 55 -6.53 -21.64 1.80
C TRP A 55 -7.73 -22.37 2.39
N ALA A 56 -7.51 -23.61 2.80
CA ALA A 56 -8.55 -24.46 3.36
C ALA A 56 -8.22 -24.76 4.81
N ASP A 57 -9.25 -24.77 5.66
CA ASP A 57 -9.13 -25.00 7.09
C ASP A 57 -10.31 -25.83 7.57
N ALA A 58 -10.03 -26.81 8.42
CA ALA A 58 -11.06 -27.75 8.81
C ALA A 58 -12.12 -27.16 9.74
N ASP A 59 -11.78 -26.18 10.60
CA ASP A 59 -12.68 -25.78 11.67
C ASP A 59 -13.00 -24.29 11.75
N ASN A 60 -12.52 -23.47 10.81
CA ASN A 60 -12.84 -22.04 10.80
C ASN A 60 -12.15 -21.27 11.91
N GLN A 61 -11.15 -21.87 12.56
CA GLN A 61 -10.33 -21.21 13.58
C GLN A 61 -8.90 -21.16 13.05
N PHE A 62 -8.29 -19.98 13.10
CA PHE A 62 -7.02 -19.73 12.43
C PHE A 62 -6.01 -19.20 13.44
N PHE A 63 -5.68 -20.02 14.43
CA PHE A 63 -4.77 -19.65 15.51
C PHE A 63 -3.40 -20.29 15.40
N ALA A 64 -3.15 -21.12 14.38
CA ALA A 64 -1.84 -21.73 14.25
C ALA A 64 -0.84 -20.72 13.75
N SER A 65 0.43 -20.89 14.11
N SER A 65 0.42 -20.89 14.13
CA SER A 65 1.43 -19.95 13.62
CA SER A 65 1.44 -19.98 13.63
C SER A 65 1.47 -19.91 12.10
C SER A 65 1.43 -19.91 12.11
N TYR A 66 1.28 -21.06 11.44
CA TYR A 66 1.28 -21.10 9.98
C TYR A 66 0.13 -20.29 9.39
N ASP A 67 -0.97 -20.12 10.14
CA ASP A 67 -2.14 -19.41 9.67
C ASP A 67 -1.95 -17.89 9.68
N ALA A 68 -1.07 -17.38 10.54
CA ALA A 68 -1.06 -15.95 10.84
C ALA A 68 -0.85 -15.07 9.62
N PRO A 69 0.06 -15.38 8.68
CA PRO A 69 0.20 -14.50 7.52
C PRO A 69 -1.03 -14.49 6.64
N ALA A 70 -1.75 -15.61 6.58
CA ALA A 70 -2.95 -15.70 5.77
C ALA A 70 -4.07 -14.87 6.37
N VAL A 71 -4.25 -14.96 7.69
CA VAL A 71 -5.25 -14.16 8.38
C VAL A 71 -5.08 -12.68 8.02
N ASP A 72 -3.85 -12.18 8.14
CA ASP A 72 -3.62 -10.76 7.94
C ASP A 72 -3.70 -10.36 6.47
N ALA A 73 -3.18 -11.17 5.54
CA ALA A 73 -3.32 -10.82 4.13
C ALA A 73 -4.80 -10.70 3.78
N HIS A 74 -5.60 -11.63 4.27
CA HIS A 74 -7.03 -11.69 3.96
C HIS A 74 -7.75 -10.50 4.58
N TYR A 75 -7.52 -10.26 5.87
CA TYR A 75 -8.22 -9.20 6.61
C TYR A 75 -7.82 -7.83 6.08
N TYR A 76 -6.52 -7.59 5.90
CA TYR A 76 -6.08 -6.27 5.46
C TYR A 76 -6.44 -6.00 4.00
N ALA A 77 -6.55 -7.04 3.15
CA ALA A 77 -7.13 -6.80 1.83
C ALA A 77 -8.55 -6.29 1.95
N GLY A 78 -9.32 -6.82 2.90
CA GLY A 78 -10.67 -6.31 3.12
C GLY A 78 -10.69 -4.86 3.56
N VAL A 79 -9.80 -4.48 4.48
CA VAL A 79 -9.75 -3.08 4.90
C VAL A 79 -9.42 -2.18 3.73
N THR A 80 -8.48 -2.62 2.88
CA THR A 80 -8.06 -1.81 1.75
C THR A 80 -9.18 -1.67 0.75
N TYR A 81 -9.90 -2.76 0.47
CA TYR A 81 -11.10 -2.70 -0.37
C TYR A 81 -12.09 -1.67 0.19
N ASP A 82 -12.32 -1.72 1.50
CA ASP A 82 -13.27 -0.80 2.11
C ASP A 82 -12.82 0.65 1.98
N TYR A 83 -11.53 0.91 2.16
CA TYR A 83 -11.03 2.26 1.96
C TYR A 83 -11.34 2.75 0.56
N TYR A 84 -10.95 2.01 -0.46
CA TYR A 84 -11.18 2.48 -1.81
C TYR A 84 -12.65 2.66 -2.11
N LYS A 85 -13.50 1.73 -1.65
CA LYS A 85 -14.93 1.84 -1.94
C LYS A 85 -15.55 3.01 -1.18
N ASN A 86 -15.30 3.08 0.13
CA ASN A 86 -16.00 4.04 0.98
C ASN A 86 -15.44 5.45 0.80
N VAL A 87 -14.14 5.59 0.57
CA VAL A 87 -13.53 6.91 0.47
C VAL A 87 -13.50 7.43 -0.95
N HIS A 88 -13.23 6.57 -1.93
CA HIS A 88 -13.03 7.01 -3.31
C HIS A 88 -14.09 6.49 -4.27
N ASN A 89 -15.08 5.75 -3.79
CA ASN A 89 -16.12 5.18 -4.63
C ASN A 89 -15.51 4.32 -5.74
N ARG A 90 -14.44 3.61 -5.41
CA ARG A 90 -13.79 2.70 -6.35
C ARG A 90 -14.04 1.26 -5.90
N LEU A 91 -14.53 0.44 -6.83
CA LEU A 91 -14.89 -0.94 -6.57
C LEU A 91 -13.74 -1.84 -7.01
N SER A 92 -12.93 -2.27 -6.03
CA SER A 92 -11.73 -3.07 -6.25
C SER A 92 -10.71 -2.37 -7.13
N TYR A 93 -9.66 -3.07 -7.50
CA TYR A 93 -8.54 -2.41 -8.15
C TYR A 93 -8.85 -1.97 -9.57
N ASP A 94 -9.75 -2.68 -10.27
CA ASP A 94 -10.11 -2.34 -11.63
C ASP A 94 -11.34 -1.44 -11.73
N GLY A 95 -11.98 -1.09 -10.62
CA GLY A 95 -13.19 -0.30 -10.65
C GLY A 95 -14.44 -1.09 -10.95
N ASN A 96 -14.30 -2.40 -11.21
CA ASN A 96 -15.42 -3.27 -11.58
C ASN A 96 -15.48 -4.48 -10.66
N ASN A 97 -14.99 -4.34 -9.43
CA ASN A 97 -15.11 -5.39 -8.44
C ASN A 97 -14.35 -6.66 -8.83
N ALA A 98 -13.19 -6.52 -9.49
CA ALA A 98 -12.36 -7.70 -9.73
C ALA A 98 -12.07 -8.45 -8.43
N ALA A 99 -12.06 -9.77 -8.51
CA ALA A 99 -11.64 -10.60 -7.39
C ALA A 99 -10.22 -10.24 -6.99
N ILE A 100 -9.98 -10.15 -5.69
CA ILE A 100 -8.68 -9.81 -5.13
C ILE A 100 -8.04 -11.07 -4.61
N ARG A 101 -6.87 -11.43 -5.14
CA ARG A 101 -6.20 -12.67 -4.80
C ARG A 101 -4.83 -12.38 -4.20
N SER A 102 -4.51 -13.09 -3.13
CA SER A 102 -3.22 -12.98 -2.46
C SER A 102 -2.67 -14.36 -2.15
N SER A 103 -1.35 -14.53 -2.24
CA SER A 103 -0.68 -15.75 -1.77
C SER A 103 0.30 -15.38 -0.66
N VAL A 104 0.32 -16.21 0.38
CA VAL A 104 1.25 -16.07 1.48
C VAL A 104 2.14 -17.30 1.52
N HIS A 105 3.15 -17.26 2.39
CA HIS A 105 4.19 -18.28 2.45
C HIS A 105 4.87 -18.45 1.09
N TYR A 106 5.11 -17.33 0.40
CA TYR A 106 5.83 -17.37 -0.87
C TYR A 106 7.31 -17.56 -0.62
N SER A 107 7.89 -18.58 -1.24
CA SER A 107 9.32 -18.85 -1.19
C SER A 107 9.79 -19.11 0.25
N GLN A 108 11.09 -19.07 0.45
CA GLN A 108 11.72 -19.30 1.76
C GLN A 108 12.56 -18.09 2.15
N GLY A 109 12.33 -17.56 3.35
CA GLY A 109 13.12 -16.43 3.80
C GLY A 109 12.96 -15.19 2.95
N TYR A 110 11.79 -15.01 2.33
CA TYR A 110 11.64 -14.03 1.26
C TYR A 110 11.31 -12.66 1.87
N ASN A 111 12.25 -11.72 1.72
CA ASN A 111 12.15 -10.39 2.33
C ASN A 111 11.52 -9.37 1.39
N ASN A 112 10.31 -9.65 0.93
CA ASN A 112 9.63 -8.73 0.03
C ASN A 112 8.18 -9.16 -0.12
N ALA A 113 7.43 -8.31 -0.81
CA ALA A 113 6.05 -8.53 -1.20
C ALA A 113 5.86 -7.82 -2.53
N PHE A 114 4.91 -8.28 -3.34
CA PHE A 114 4.74 -7.67 -4.65
C PHE A 114 3.38 -7.99 -5.24
N TRP A 115 2.99 -7.16 -6.20
CA TRP A 115 1.91 -7.43 -7.13
C TRP A 115 2.56 -7.98 -8.40
N ASN A 116 2.11 -9.15 -8.87
CA ASN A 116 2.79 -9.81 -9.99
C ASN A 116 2.15 -9.54 -11.35
N GLY A 117 1.26 -8.57 -11.42
CA GLY A 117 0.43 -8.30 -12.57
C GLY A 117 -0.99 -8.81 -12.45
N SER A 118 -1.21 -9.76 -11.53
CA SER A 118 -2.49 -10.43 -11.37
C SER A 118 -2.91 -10.64 -9.93
N GLN A 119 -1.99 -10.61 -8.96
CA GLN A 119 -2.31 -10.98 -7.59
C GLN A 119 -1.21 -10.40 -6.70
N MET A 120 -1.50 -10.33 -5.40
CA MET A 120 -0.52 -9.99 -4.39
C MET A 120 0.19 -11.25 -3.90
N VAL A 121 1.44 -11.05 -3.49
CA VAL A 121 2.35 -12.11 -3.08
C VAL A 121 3.15 -11.63 -1.88
N TYR A 122 3.18 -12.42 -0.82
CA TYR A 122 3.88 -12.05 0.41
C TYR A 122 4.89 -13.09 0.83
N GLY A 123 6.13 -12.67 1.03
CA GLY A 123 7.09 -13.51 1.71
C GLY A 123 6.82 -13.59 3.21
N ASP A 124 7.48 -14.56 3.82
CA ASP A 124 7.50 -14.70 5.27
C ASP A 124 8.63 -13.90 5.91
N GLY A 125 9.53 -13.34 5.12
CA GLY A 125 10.75 -12.79 5.68
C GLY A 125 11.68 -13.84 6.20
N ASP A 126 12.89 -13.42 6.58
CA ASP A 126 13.87 -14.32 7.16
C ASP A 126 13.92 -14.24 8.67
N GLY A 127 13.00 -13.50 9.27
CA GLY A 127 12.97 -13.32 10.70
C GLY A 127 13.94 -12.30 11.24
N GLN A 128 14.78 -11.72 10.38
CA GLN A 128 15.78 -10.73 10.75
C GLN A 128 15.45 -9.39 10.11
N THR A 129 15.38 -9.35 8.78
CA THR A 129 14.99 -8.13 8.09
C THR A 129 13.47 -7.95 8.14
N PHE A 130 12.69 -9.02 7.98
CA PHE A 130 11.24 -8.96 8.04
C PHE A 130 10.69 -10.19 8.74
N ILE A 131 9.53 -10.00 9.38
CA ILE A 131 8.61 -11.08 9.71
C ILE A 131 7.54 -11.12 8.60
N PRO A 132 6.58 -12.03 8.61
CA PRO A 132 5.73 -12.16 7.43
C PRO A 132 5.05 -10.85 7.05
N LEU A 133 5.21 -10.47 5.77
CA LEU A 133 5.03 -9.07 5.41
C LEU A 133 3.56 -8.64 5.39
N SER A 134 2.63 -9.58 5.31
CA SER A 134 1.23 -9.26 5.38
C SER A 134 0.81 -8.77 6.77
N GLY A 135 1.69 -8.86 7.77
CA GLY A 135 1.40 -8.28 9.06
C GLY A 135 1.34 -6.76 9.06
N GLY A 136 1.77 -6.10 8.00
CA GLY A 136 1.72 -4.66 7.91
C GLY A 136 0.55 -4.20 7.05
N ILE A 137 -0.40 -3.49 7.66
CA ILE A 137 -1.52 -2.99 6.88
C ILE A 137 -1.05 -2.04 5.78
N ASP A 138 -0.07 -1.20 6.07
CA ASP A 138 0.49 -0.34 5.05
C ASP A 138 1.13 -1.13 3.92
N VAL A 139 1.75 -2.28 4.22
CA VAL A 139 2.33 -3.15 3.19
C VAL A 139 1.23 -3.72 2.30
N VAL A 140 0.20 -4.30 2.91
CA VAL A 140 -0.89 -4.87 2.13
C VAL A 140 -1.51 -3.82 1.23
N ALA A 141 -1.80 -2.63 1.79
CA ALA A 141 -2.41 -1.58 0.98
C ALA A 141 -1.44 -1.06 -0.09
N HIS A 142 -0.13 -1.01 0.23
CA HIS A 142 0.87 -0.68 -0.79
C HIS A 142 0.77 -1.63 -1.97
N GLU A 143 0.67 -2.93 -1.70
CA GLU A 143 0.60 -3.92 -2.77
C GLU A 143 -0.65 -3.77 -3.60
N LEU A 144 -1.82 -3.66 -2.94
CA LEU A 144 -3.05 -3.57 -3.71
C LEU A 144 -3.07 -2.27 -4.51
N THR A 145 -2.45 -1.22 -3.98
CA THR A 145 -2.41 0.03 -4.72
C THR A 145 -1.59 -0.09 -6.00
N HIS A 146 -0.58 -0.96 -6.06
CA HIS A 146 0.07 -1.19 -7.34
C HIS A 146 -0.94 -1.66 -8.41
N ALA A 147 -1.88 -2.52 -8.02
CA ALA A 147 -2.91 -2.96 -8.97
C ALA A 147 -3.78 -1.79 -9.40
N VAL A 148 -4.16 -0.91 -8.45
CA VAL A 148 -4.93 0.30 -8.80
C VAL A 148 -4.16 1.15 -9.80
N THR A 149 -2.89 1.42 -9.50
CA THR A 149 -2.06 2.19 -10.42
C THR A 149 -2.01 1.54 -11.79
N ASP A 150 -1.78 0.23 -11.83
CA ASP A 150 -1.62 -0.43 -13.12
C ASP A 150 -2.88 -0.33 -13.96
N TYR A 151 -4.06 -0.34 -13.33
CA TYR A 151 -5.33 -0.23 -14.04
C TYR A 151 -5.69 1.20 -14.43
N THR A 152 -5.01 2.20 -13.86
CA THR A 152 -5.40 3.59 -14.03
C THR A 152 -4.25 4.30 -14.73
N ALA A 153 -3.41 5.04 -14.01
CA ALA A 153 -2.34 5.79 -14.65
C ALA A 153 -1.39 4.89 -15.43
N GLY A 154 -1.11 3.70 -14.92
CA GLY A 154 -0.26 2.77 -15.65
C GLY A 154 1.21 3.13 -15.60
N LEU A 155 1.64 3.85 -14.57
CA LEU A 155 3.00 4.34 -14.43
C LEU A 155 4.03 3.24 -14.63
N ILE A 156 4.90 3.44 -15.63
CA ILE A 156 5.96 2.48 -15.95
C ILE A 156 6.92 2.40 -14.77
N TYR A 157 7.36 1.18 -14.46
CA TYR A 157 8.08 0.93 -13.21
C TYR A 157 9.59 1.15 -13.34
N GLN A 158 9.96 2.38 -13.70
CA GLN A 158 11.37 2.76 -13.78
C GLN A 158 11.48 4.27 -13.71
N ASN A 159 12.61 4.73 -13.21
CA ASN A 159 12.96 6.17 -13.24
C ASN A 159 11.84 6.98 -12.57
N GLU A 160 11.54 8.20 -13.06
CA GLU A 160 10.63 9.05 -12.31
C GLU A 160 9.21 8.51 -12.28
N SER A 161 8.71 7.98 -13.40
N SER A 161 8.72 8.00 -13.42
CA SER A 161 7.36 7.43 -13.36
CA SER A 161 7.39 7.39 -13.41
C SER A 161 7.28 6.28 -12.35
C SER A 161 7.30 6.30 -12.36
N GLY A 162 8.35 5.50 -12.23
CA GLY A 162 8.35 4.39 -11.28
C GLY A 162 8.46 4.84 -9.84
N ALA A 163 9.17 5.95 -9.59
CA ALA A 163 9.20 6.53 -8.25
C ALA A 163 7.84 7.13 -7.88
N ILE A 164 7.12 7.69 -8.85
CA ILE A 164 5.74 8.11 -8.58
C ILE A 164 4.87 6.91 -8.25
N ASN A 165 4.99 5.85 -9.05
CA ASN A 165 4.28 4.61 -8.80
C ASN A 165 4.50 4.14 -7.36
N GLU A 166 5.77 4.10 -6.93
CA GLU A 166 6.10 3.72 -5.56
C GLU A 166 5.47 4.65 -4.54
N ALA A 167 5.60 5.97 -4.75
CA ALA A 167 5.07 6.91 -3.80
C ALA A 167 3.55 6.78 -3.68
N ILE A 168 2.86 6.56 -4.79
CA ILE A 168 1.42 6.36 -4.75
C ILE A 168 1.08 5.19 -3.82
N SER A 169 1.82 4.09 -3.96
CA SER A 169 1.62 2.94 -3.10
C SER A 169 1.94 3.25 -1.63
N ASP A 170 2.99 4.03 -1.34
CA ASP A 170 3.27 4.40 0.05
C ASP A 170 2.23 5.37 0.61
N ILE A 171 1.77 6.33 -0.21
CA ILE A 171 0.75 7.31 0.20
C ILE A 171 -0.53 6.59 0.56
N PHE A 172 -1.05 5.78 -0.37
CA PHE A 172 -2.31 5.08 -0.07
C PHE A 172 -2.12 3.97 0.95
N GLY A 173 -0.94 3.35 1.01
CA GLY A 173 -0.71 2.44 2.11
C GLY A 173 -0.85 3.11 3.46
N THR A 174 -0.29 4.31 3.58
CA THR A 174 -0.41 5.11 4.79
C THR A 174 -1.82 5.59 5.04
N LEU A 175 -2.52 6.05 4.00
CA LEU A 175 -3.88 6.50 4.22
C LEU A 175 -4.79 5.34 4.64
N VAL A 176 -4.57 4.13 4.14
CA VAL A 176 -5.31 2.97 4.63
C VAL A 176 -4.96 2.68 6.08
N GLU A 177 -3.68 2.78 6.43
CA GLU A 177 -3.28 2.59 7.81
C GLU A 177 -4.00 3.61 8.72
N PHE A 178 -4.09 4.87 8.31
CA PHE A 178 -4.85 5.84 9.09
C PHE A 178 -6.35 5.50 9.12
N TYR A 179 -6.91 5.01 8.01
CA TYR A 179 -8.32 4.65 7.94
C TYR A 179 -8.65 3.58 8.97
N ALA A 180 -7.80 2.56 9.11
CA ALA A 180 -8.02 1.51 10.11
C ALA A 180 -7.76 2.04 11.52
N ASN A 181 -6.88 3.02 11.65
CA ASN A 181 -6.64 3.78 12.88
C ASN A 181 -6.08 2.95 14.03
N LYS A 182 -5.21 2.02 13.71
CA LYS A 182 -4.42 1.29 14.73
C LYS A 182 -2.93 1.65 14.58
N ASN A 183 -2.41 2.37 15.56
CA ASN A 183 -1.04 2.85 15.56
C ASN A 183 -0.63 3.50 14.23
N PRO A 184 -1.42 4.44 13.71
CA PRO A 184 -1.08 4.98 12.38
C PRO A 184 0.09 5.94 12.46
N ASP A 185 0.85 5.99 11.37
CA ASP A 185 2.02 6.84 11.27
C ASP A 185 2.29 7.10 9.79
N TRP A 186 3.32 7.89 9.54
CA TRP A 186 3.82 8.21 8.21
C TRP A 186 5.08 7.42 7.88
N GLU A 187 5.28 6.28 8.52
CA GLU A 187 6.38 5.37 8.26
C GLU A 187 5.85 4.17 7.48
N ILE A 188 6.73 3.50 6.75
CA ILE A 188 6.33 2.36 5.91
C ILE A 188 6.94 1.08 6.46
N GLY A 189 6.08 0.11 6.76
CA GLY A 189 6.51 -1.23 7.09
C GLY A 189 6.96 -1.46 8.51
N GLU A 190 6.80 -0.49 9.40
CA GLU A 190 7.33 -0.58 10.76
C GLU A 190 6.83 -1.82 11.51
N ASP A 191 5.63 -2.32 11.21
CA ASP A 191 5.08 -3.42 11.99
C ASP A 191 5.72 -4.75 11.67
N VAL A 192 6.38 -4.87 10.52
CA VAL A 192 6.99 -6.13 10.09
C VAL A 192 8.47 -6.05 9.84
N TYR A 193 9.07 -4.88 9.93
CA TYR A 193 10.49 -4.68 9.62
C TYR A 193 11.33 -4.87 10.88
N THR A 194 12.44 -5.59 10.74
CA THR A 194 13.49 -5.73 11.75
C THR A 194 12.94 -5.97 13.15
N PRO A 195 12.45 -7.17 13.42
CA PRO A 195 11.90 -7.43 14.76
C PRO A 195 12.90 -7.21 15.88
N GLY A 196 14.19 -7.27 15.61
CA GLY A 196 15.16 -7.03 16.67
C GLY A 196 15.52 -5.57 16.91
N ILE A 197 14.94 -4.65 16.15
CA ILE A 197 15.25 -3.23 16.25
C ILE A 197 13.94 -2.46 16.40
N SER A 198 13.78 -1.76 17.52
CA SER A 198 12.57 -0.99 17.75
C SER A 198 12.71 0.41 17.12
N GLY A 199 11.58 0.95 16.67
CA GLY A 199 11.53 2.36 16.30
C GLY A 199 11.97 2.70 14.91
N ASP A 200 12.28 1.70 14.08
CA ASP A 200 12.71 1.90 12.72
C ASP A 200 11.62 1.49 11.74
N SER A 201 11.89 1.65 10.47
N SER A 201 11.91 1.69 10.47
CA SER A 201 10.95 1.29 9.42
CA SER A 201 10.96 1.49 9.39
C SER A 201 11.74 1.22 8.12
C SER A 201 11.76 1.19 8.13
N LEU A 202 11.08 0.70 7.10
CA LEU A 202 11.70 0.55 5.80
C LEU A 202 11.92 1.89 5.12
N ARG A 203 10.89 2.75 5.15
CA ARG A 203 10.95 4.12 4.65
C ARG A 203 10.20 5.01 5.63
N SER A 204 10.51 6.31 5.56
CA SER A 204 9.76 7.32 6.27
C SER A 204 9.25 8.33 5.26
N MET A 205 7.95 8.67 5.33
CA MET A 205 7.43 9.75 4.50
C MET A 205 7.68 11.12 5.13
N SER A 206 7.66 11.19 6.44
CA SER A 206 7.85 12.47 7.13
C SER A 206 9.30 12.93 7.07
N ASP A 207 10.24 11.99 7.03
CA ASP A 207 11.66 12.31 6.97
C ASP A 207 12.38 11.21 6.20
N PRO A 208 12.23 11.20 4.86
CA PRO A 208 12.82 10.09 4.07
C PRO A 208 14.29 9.92 4.30
N ALA A 209 15.00 11.01 4.58
CA ALA A 209 16.44 10.96 4.73
C ALA A 209 16.86 10.15 5.95
N LYS A 210 15.96 9.90 6.90
CA LYS A 210 16.31 9.07 8.06
C LYS A 210 16.77 7.69 7.63
N TYR A 211 16.27 7.19 6.49
CA TYR A 211 16.64 5.88 5.96
C TYR A 211 17.33 6.01 4.62
N GLY A 212 18.00 7.16 4.41
CA GLY A 212 18.86 7.39 3.27
C GLY A 212 18.18 7.84 1.99
N ASP A 213 16.91 8.04 1.99
CA ASP A 213 16.22 8.41 0.77
C ASP A 213 16.12 9.93 0.64
N PRO A 214 16.14 10.42 -0.60
CA PRO A 214 16.13 11.86 -0.82
C PRO A 214 14.82 12.51 -0.43
N ASP A 215 14.95 13.75 0.03
CA ASP A 215 13.82 14.59 0.43
C ASP A 215 13.80 15.89 -0.35
N HIS A 216 14.50 15.91 -1.49
CA HIS A 216 14.58 17.07 -2.36
C HIS A 216 15.08 16.58 -3.70
N TYR A 217 14.53 17.16 -4.78
CA TYR A 217 14.88 16.74 -6.13
C TYR A 217 16.37 16.84 -6.42
N SER A 218 17.07 17.80 -5.82
CA SER A 218 18.49 17.95 -6.03
C SER A 218 19.29 16.80 -5.45
N LYS A 219 18.66 15.93 -4.67
CA LYS A 219 19.31 14.74 -4.11
C LYS A 219 18.85 13.46 -4.76
N ARG A 220 18.18 13.54 -5.90
CA ARG A 220 17.65 12.33 -6.53
C ARG A 220 18.79 11.43 -6.98
N TYR A 221 18.50 10.14 -6.95
CA TYR A 221 19.38 9.12 -7.47
C TYR A 221 19.19 9.00 -8.97
N THR A 222 20.33 8.92 -9.69
CA THR A 222 20.34 8.95 -11.14
C THR A 222 20.92 7.67 -11.74
N GLY A 223 21.29 6.69 -10.92
CA GLY A 223 21.89 5.44 -11.39
C GLY A 223 20.83 4.46 -11.83
N THR A 224 21.27 3.21 -12.01
CA THR A 224 20.41 2.18 -12.60
C THR A 224 19.90 1.15 -11.60
N GLN A 225 20.43 1.12 -10.37
CA GLN A 225 19.96 0.14 -9.41
C GLN A 225 18.49 0.38 -9.10
N ASP A 226 17.78 -0.67 -8.68
CA ASP A 226 16.40 -0.52 -8.22
C ASP A 226 15.53 0.13 -9.29
N ASN A 227 15.71 -0.30 -10.55
CA ASN A 227 14.91 0.24 -11.65
C ASN A 227 15.04 1.75 -11.75
N GLY A 228 16.26 2.26 -11.53
CA GLY A 228 16.46 3.69 -11.51
C GLY A 228 16.00 4.34 -10.24
N GLY A 229 16.09 3.64 -9.12
CA GLY A 229 15.80 4.23 -7.83
C GLY A 229 14.34 4.35 -7.46
N VAL A 230 13.46 3.46 -7.91
CA VAL A 230 12.03 3.66 -7.66
C VAL A 230 11.69 3.69 -6.18
N HIS A 231 12.39 2.91 -5.34
CA HIS A 231 12.14 2.89 -3.89
C HIS A 231 12.97 3.92 -3.15
N ILE A 232 13.78 4.69 -3.88
CA ILE A 232 14.69 5.70 -3.33
C ILE A 232 14.07 7.06 -3.62
N ASN A 233 13.92 7.39 -4.91
CA ASN A 233 13.37 8.67 -5.30
C ASN A 233 11.91 8.83 -4.92
N SER A 234 11.21 7.76 -4.57
CA SER A 234 9.88 7.91 -4.01
C SER A 234 9.88 8.82 -2.78
N GLY A 235 11.03 8.96 -2.10
CA GLY A 235 11.09 9.83 -0.93
C GLY A 235 10.77 11.27 -1.25
N ILE A 236 11.10 11.71 -2.45
CA ILE A 236 10.85 13.11 -2.83
C ILE A 236 9.35 13.37 -2.91
N ILE A 237 8.60 12.44 -3.49
CA ILE A 237 7.15 12.58 -3.59
C ILE A 237 6.47 12.28 -2.27
N ASN A 238 6.95 11.27 -1.54
CA ASN A 238 6.41 11.00 -0.22
C ASN A 238 6.53 12.21 0.68
N LYS A 239 7.69 12.89 0.64
CA LYS A 239 7.85 14.10 1.44
C LYS A 239 6.87 15.18 1.01
N ALA A 240 6.70 15.37 -0.30
CA ALA A 240 5.72 16.37 -0.75
C ALA A 240 4.32 16.04 -0.24
N ALA A 241 3.93 14.76 -0.31
CA ALA A 241 2.61 14.35 0.15
C ALA A 241 2.45 14.59 1.65
N TYR A 242 3.46 14.20 2.42
CA TYR A 242 3.47 14.47 3.85
C TYR A 242 3.30 15.96 4.13
N LEU A 243 4.01 16.81 3.41
CA LEU A 243 3.90 18.25 3.64
C LEU A 243 2.50 18.77 3.28
N ILE A 244 1.93 18.31 2.16
CA ILE A 244 0.58 18.73 1.80
C ILE A 244 -0.36 18.43 2.96
N SER A 245 -0.27 17.22 3.52
CA SER A 245 -1.19 16.83 4.59
C SER A 245 -0.89 17.57 5.88
N GLN A 246 0.36 17.50 6.33
CA GLN A 246 0.71 17.86 7.69
C GLN A 246 1.32 19.23 7.83
N GLY A 247 1.79 19.82 6.74
CA GLY A 247 2.50 21.08 6.77
C GLY A 247 3.91 20.98 7.30
N GLY A 248 4.63 22.08 7.22
CA GLY A 248 5.99 22.16 7.73
C GLY A 248 6.78 23.16 6.92
N THR A 249 7.97 23.46 7.40
CA THR A 249 8.91 24.28 6.65
C THR A 249 10.12 23.39 6.36
N HIS A 250 10.42 23.23 5.08
CA HIS A 250 11.38 22.25 4.60
C HIS A 250 12.29 22.96 3.61
N TYR A 251 13.60 22.92 3.89
CA TYR A 251 14.59 23.70 3.15
C TYR A 251 14.14 25.16 3.01
N GLY A 252 13.57 25.68 4.08
CA GLY A 252 13.17 27.07 4.15
C GLY A 252 11.85 27.41 3.50
N VAL A 253 11.14 26.45 2.92
CA VAL A 253 9.88 26.68 2.22
C VAL A 253 8.75 26.21 3.13
N SER A 254 7.83 27.12 3.47
CA SER A 254 6.73 26.82 4.38
C SER A 254 5.52 26.29 3.64
N VAL A 255 4.92 25.23 4.18
CA VAL A 255 3.75 24.59 3.60
C VAL A 255 2.66 24.58 4.65
N VAL A 256 1.49 25.07 4.29
CA VAL A 256 0.32 25.02 5.16
C VAL A 256 -0.38 23.66 4.95
N GLY A 257 -0.48 22.84 5.98
CA GLY A 257 -1.10 21.54 5.81
C GLY A 257 -2.60 21.63 5.62
N ILE A 258 -3.15 20.69 4.85
CA ILE A 258 -4.57 20.63 4.56
C ILE A 258 -5.22 19.35 5.04
N GLY A 259 -4.44 18.42 5.59
CA GLY A 259 -4.97 17.19 6.17
C GLY A 259 -4.98 16.02 5.21
N ARG A 260 -5.07 14.83 5.81
CA ARG A 260 -4.92 13.57 5.08
C ARG A 260 -6.05 13.36 4.08
N ASP A 261 -7.29 13.69 4.45
CA ASP A 261 -8.41 13.39 3.58
C ASP A 261 -8.28 14.16 2.27
N LYS A 262 -7.93 15.44 2.35
CA LYS A 262 -7.75 16.22 1.12
C LYS A 262 -6.53 15.76 0.33
N LEU A 263 -5.44 15.39 1.01
CA LEU A 263 -4.32 14.76 0.31
C LEU A 263 -4.83 13.58 -0.52
N GLY A 264 -5.56 12.68 0.12
CA GLY A 264 -6.04 11.50 -0.58
C GLY A 264 -6.93 11.83 -1.76
N LYS A 265 -7.82 12.83 -1.60
CA LYS A 265 -8.68 13.21 -2.73
C LYS A 265 -7.85 13.75 -3.88
N ILE A 266 -6.88 14.61 -3.58
CA ILE A 266 -6.06 15.21 -4.62
C ILE A 266 -5.26 14.16 -5.36
N PHE A 267 -4.60 13.26 -4.63
CA PHE A 267 -3.76 12.26 -5.28
C PHE A 267 -4.57 11.18 -5.97
N TYR A 268 -5.76 10.82 -5.43
CA TYR A 268 -6.60 9.86 -6.13
C TYR A 268 -7.06 10.42 -7.47
N ARG A 269 -7.47 11.69 -7.47
CA ARG A 269 -7.89 12.32 -8.72
C ARG A 269 -6.72 12.44 -9.68
N ALA A 270 -5.54 12.82 -9.18
CA ALA A 270 -4.40 12.91 -10.09
C ALA A 270 -4.10 11.56 -10.72
N LEU A 271 -4.12 10.49 -9.91
CA LEU A 271 -3.79 9.15 -10.37
C LEU A 271 -4.75 8.68 -11.45
N THR A 272 -6.04 8.97 -11.25
CA THR A 272 -7.09 8.38 -12.06
C THR A 272 -7.57 9.26 -13.20
N GLN A 273 -7.26 10.55 -13.17
CA GLN A 273 -7.68 11.45 -14.22
C GLN A 273 -6.56 12.13 -14.99
N TYR A 274 -5.36 12.22 -14.45
CA TYR A 274 -4.36 13.07 -15.11
C TYR A 274 -3.05 12.36 -15.42
N LEU A 275 -2.57 11.49 -14.55
CA LEU A 275 -1.29 10.85 -14.79
C LEU A 275 -1.38 9.86 -15.95
N THR A 276 -0.24 9.63 -16.59
CA THR A 276 -0.12 8.71 -17.71
C THR A 276 1.05 7.78 -17.43
N PRO A 277 1.27 6.77 -18.28
CA PRO A 277 2.32 5.80 -17.94
C PRO A 277 3.69 6.43 -17.82
N THR A 278 3.95 7.53 -18.53
CA THR A 278 5.28 8.12 -18.57
C THR A 278 5.39 9.42 -17.77
N SER A 279 4.41 9.74 -16.94
CA SER A 279 4.49 10.99 -16.18
C SER A 279 5.77 11.07 -15.37
N ASN A 280 6.39 12.25 -15.38
CA ASN A 280 7.54 12.55 -14.54
C ASN A 280 7.11 13.41 -13.35
N PHE A 281 8.07 13.76 -12.50
CA PHE A 281 7.73 14.48 -11.28
C PHE A 281 7.09 15.84 -11.57
N SER A 282 7.61 16.58 -12.56
CA SER A 282 7.03 17.87 -12.92
C SER A 282 5.58 17.70 -13.38
N GLN A 283 5.32 16.63 -14.14
CA GLN A 283 3.96 16.35 -14.60
C GLN A 283 3.06 15.91 -13.45
N LEU A 284 3.61 15.23 -12.43
CA LEU A 284 2.81 14.95 -11.25
C LEU A 284 2.42 16.24 -10.54
N ARG A 285 3.36 17.18 -10.40
CA ARG A 285 3.01 18.44 -9.78
C ARG A 285 1.85 19.08 -10.52
N ALA A 286 1.92 19.11 -11.86
CA ALA A 286 0.86 19.74 -12.64
C ALA A 286 -0.46 19.00 -12.44
N ALA A 287 -0.41 17.67 -12.40
CA ALA A 287 -1.61 16.88 -12.17
C ALA A 287 -2.22 17.14 -10.81
N ALA A 288 -1.39 17.25 -9.78
CA ALA A 288 -1.88 17.54 -8.44
C ALA A 288 -2.47 18.94 -8.35
N VAL A 289 -1.82 19.93 -8.98
CA VAL A 289 -2.37 21.28 -9.01
C VAL A 289 -3.73 21.29 -9.70
N GLN A 290 -3.83 20.62 -10.84
CA GLN A 290 -5.11 20.61 -11.55
C GLN A 290 -6.16 19.88 -10.74
N SER A 291 -5.79 18.77 -10.11
CA SER A 291 -6.76 18.02 -9.30
C SER A 291 -7.28 18.87 -8.14
N ALA A 292 -6.38 19.55 -7.44
CA ALA A 292 -6.80 20.42 -6.36
C ALA A 292 -7.65 21.57 -6.87
N THR A 293 -7.35 22.07 -8.07
CA THR A 293 -8.16 23.13 -8.67
C THR A 293 -9.57 22.62 -8.92
N ASP A 294 -9.69 21.43 -9.54
CA ASP A 294 -11.00 20.83 -9.79
C ASP A 294 -11.81 20.69 -8.50
N LEU A 295 -11.16 20.24 -7.44
CA LEU A 295 -11.87 19.88 -6.21
C LEU A 295 -12.19 21.09 -5.34
N TYR A 296 -11.30 22.08 -5.32
CA TYR A 296 -11.34 23.13 -4.31
C TYR A 296 -11.30 24.54 -4.86
N GLY A 297 -10.97 24.71 -6.12
CA GLY A 297 -10.96 26.02 -6.75
C GLY A 297 -9.56 26.60 -6.88
N SER A 298 -9.36 27.38 -7.96
CA SER A 298 -8.03 27.90 -8.25
C SER A 298 -7.46 28.79 -7.15
N THR A 299 -8.31 29.53 -6.43
CA THR A 299 -7.82 30.42 -5.39
C THR A 299 -7.78 29.75 -4.02
N SER A 300 -7.94 28.44 -3.93
CA SER A 300 -8.06 27.77 -2.65
C SER A 300 -6.72 27.63 -1.95
N GLN A 301 -6.80 27.46 -0.63
CA GLN A 301 -5.63 27.07 0.16
C GLN A 301 -5.07 25.76 -0.35
N GLU A 302 -5.94 24.82 -0.73
CA GLU A 302 -5.47 23.49 -1.14
C GLU A 302 -4.53 23.60 -2.34
N VAL A 303 -4.90 24.39 -3.35
CA VAL A 303 -4.03 24.58 -4.51
C VAL A 303 -2.71 25.23 -4.08
N ALA A 304 -2.80 26.29 -3.26
CA ALA A 304 -1.58 26.97 -2.81
C ALA A 304 -0.65 26.02 -2.06
N SER A 305 -1.21 25.13 -1.23
CA SER A 305 -0.40 24.20 -0.47
C SER A 305 0.25 23.13 -1.34
N VAL A 306 -0.45 22.65 -2.37
CA VAL A 306 0.18 21.73 -3.31
C VAL A 306 1.41 22.38 -3.93
N LYS A 307 1.28 23.64 -4.38
CA LYS A 307 2.41 24.31 -4.99
C LYS A 307 3.57 24.48 -4.00
N GLN A 308 3.25 24.89 -2.76
CA GLN A 308 4.30 25.05 -1.74
C GLN A 308 5.04 23.75 -1.49
N ALA A 309 4.30 22.64 -1.40
CA ALA A 309 4.92 21.35 -1.09
C ALA A 309 5.86 20.90 -2.19
N PHE A 310 5.44 21.03 -3.44
CA PHE A 310 6.34 20.67 -4.54
C PHE A 310 7.52 21.65 -4.61
N ASP A 311 7.30 22.94 -4.34
CA ASP A 311 8.44 23.86 -4.24
C ASP A 311 9.42 23.40 -3.18
N ALA A 312 8.91 22.98 -2.01
CA ALA A 312 9.76 22.60 -0.89
C ALA A 312 10.69 21.44 -1.23
N VAL A 313 10.24 20.53 -2.09
CA VAL A 313 11.05 19.39 -2.52
C VAL A 313 11.72 19.63 -3.88
N GLY A 314 11.70 20.86 -4.37
CA GLY A 314 12.46 21.21 -5.57
C GLY A 314 11.89 20.73 -6.88
N VAL A 315 10.57 20.48 -6.95
CA VAL A 315 9.92 20.01 -8.17
C VAL A 315 9.09 21.14 -8.75
N LYS A 316 9.45 21.60 -9.95
CA LYS A 316 8.71 22.66 -10.62
C LYS A 316 7.82 22.14 -11.73
ZN ZN B . 5.92 -0.97 -4.31
CA CA C . 3.05 2.70 8.71
CA CA D . -8.12 -24.34 11.98
CA CA E . 1.83 2.03 12.25
CA CA F . 12.01 -2.93 13.54
S DMS G . 18.49 22.16 -2.32
O DMS G . 19.58 23.09 -2.75
C1 DMS G . 19.24 21.09 -1.06
C2 DMS G . 17.48 23.15 -1.21
S DMS H . -20.06 -18.33 -2.66
O DMS H . -20.84 -19.41 -3.40
C1 DMS H . -19.41 -17.30 -3.98
C2 DMS H . -21.32 -17.19 -2.03
S DMS I . 10.38 -9.17 -8.01
O DMS I . 11.75 -9.65 -8.15
C1 DMS I . 9.38 -10.62 -7.65
C2 DMS I . 10.15 -8.35 -6.42
C1 6QC J . 6.20 -6.39 -11.61
C2 6QC J . 5.65 -7.61 -12.05
C3 6QC J . 5.96 -8.77 -11.38
C7 6QC J . 7.64 -5.05 -9.97
C9 6QC J . 8.03 -4.94 -7.58
C12 6QC J . 7.97 -4.76 -5.06
C19 6QC J . 7.35 -3.03 1.25
C20 6QC J . 6.13 -2.09 1.28
C21 6QC J . 7.45 -3.85 2.55
C22 6QC J . 8.94 -2.55 -1.32
C27 6QC J . 11.93 -4.39 0.38
O15 6QC J . 5.55 -3.89 -4.22
P13 6QC J . 7.00 -3.70 -3.95
C6 6QC J . 7.04 -6.37 -10.48
C4 6QC J . 6.78 -8.73 -10.27
C5 6QC J . 7.31 -7.56 -9.82
N16 6QC J . 7.48 -4.23 -2.33
C17 6QC J . 7.57 -3.20 -1.32
C18 6QC J . 7.35 -3.94 0.01
O23 6QC J . 9.08 -1.40 -0.92
N24 6QC J . 9.95 -3.32 -1.70
C25 6QC J . 11.33 -2.84 -1.66
C26 6QC J . 12.24 -3.97 -1.05
C28 6QC J . 13.72 -3.55 -1.18
C29 6QC J . 13.82 -2.19 -0.47
O14 6QC J . 7.40 -2.26 -4.10
N11 6QC J . 7.37 -4.77 -6.41
O10 6QC J . 9.23 -5.08 -7.60
O8 6QC J . 7.16 -4.78 -8.63
#